data_8FH6
#
_entry.id   8FH6
#
_cell.length_a   95.485
_cell.length_b   95.485
_cell.length_c   73.857
_cell.angle_alpha   90.000
_cell.angle_beta   90.000
_cell.angle_gamma   120.000
#
_symmetry.space_group_name_H-M   'P 61'
#
loop_
_entity.id
_entity.type
_entity.pdbx_description
1 polymer 'Aldo-keto reductase family 1 member B1'
2 non-polymer 'NADP NICOTINAMIDE-ADENINE-DINUCLEOTIDE PHOSPHATE'
3 non-polymer '(8-oxo-7-{[5-(trifluoromethyl)-1,3-benzothiazol-2-yl]methyl}-7,8-dihydropyrazino[2,3-d]pyridazin-5-yl)acetic acid'
4 non-polymer 1,2-ETHANEDIOL
5 water water
#
_entity_poly.entity_id   1
_entity_poly.type   'polypeptide(L)'
_entity_poly.pdbx_seq_one_letter_code
;MASRLLLNNGAKMPILGLGTWKSPPGQVTEAVKVAIDVGYRHIDCAHVYQNENEVGVAIQEKLREQVVKREELFIVSKLW
CTYHEKGLVKGACQKTLSDLKLDYLDLYLIHWPTGFKPGKEFFPLDESGNVVPSDTNILDTWAAMEELVDEGLVKAIGIS
NFNHLQVEMILNKPGLKYKPAVNQIECHPYLTQEKLIQYCQSKGIVVTAYSPLGSPDRPWAKPEDPSLLEDPRIKAIAAK
HNKTTAQVLIRFPMQRNLVVIPKSVTPERIAENFKVFDFELSSQDMTTLLSYNRNWRVCALLS(CSO)TSHKDYPFHEEF
;
_entity_poly.pdbx_strand_id   A
#
# COMPACT_ATOMS: atom_id res chain seq x y z
N ALA A 2 0.79 4.81 -18.15
CA ALA A 2 -0.65 4.63 -18.43
C ALA A 2 -1.38 4.59 -17.09
N SER A 3 -2.71 4.73 -17.15
CA SER A 3 -3.47 4.99 -15.96
C SER A 3 -3.71 3.71 -15.16
N ARG A 4 -3.45 2.57 -15.81
CA ARG A 4 -3.53 1.27 -15.16
C ARG A 4 -2.29 0.47 -15.53
N LEU A 5 -1.89 -0.45 -14.63
CA LEU A 5 -0.80 -1.36 -14.92
C LEU A 5 -1.36 -2.77 -14.95
N LEU A 6 -0.77 -3.58 -15.83
CA LEU A 6 -1.25 -4.94 -15.99
C LEU A 6 -0.62 -5.80 -14.92
N LEU A 7 -1.42 -6.57 -14.19
CA LEU A 7 -0.84 -7.48 -13.22
C LEU A 7 -0.64 -8.86 -13.86
N ASN A 8 0.10 -9.71 -13.16
CA ASN A 8 0.45 -11.04 -13.62
C ASN A 8 -0.74 -11.99 -13.54
N ASN A 9 -1.89 -11.54 -13.02
CA ASN A 9 -3.12 -12.33 -12.99
C ASN A 9 -4.07 -11.86 -14.09
N GLY A 10 -3.63 -10.94 -14.94
CA GLY A 10 -4.42 -10.44 -16.05
C GLY A 10 -5.28 -9.22 -15.72
N ALA A 11 -5.36 -8.82 -14.45
CA ALA A 11 -6.19 -7.68 -14.09
C ALA A 11 -5.42 -6.39 -14.33
N LYS A 12 -6.18 -5.28 -14.48
CA LYS A 12 -5.63 -3.95 -14.63
C LYS A 12 -5.80 -3.21 -13.31
N MET A 13 -4.68 -2.80 -12.72
CA MET A 13 -4.67 -2.07 -11.45
C MET A 13 -4.47 -0.57 -11.70
N PRO A 14 -5.39 0.29 -11.23
CA PRO A 14 -5.25 1.73 -11.39
C PRO A 14 -3.98 2.25 -10.71
N ILE A 15 -3.22 3.08 -11.41
CA ILE A 15 -1.89 3.45 -10.98
C ILE A 15 -2.01 4.48 -9.86
N LEU A 16 -3.20 5.07 -9.71
CA LEU A 16 -3.43 6.02 -8.62
C LEU A 16 -4.58 5.49 -7.78
N GLY A 17 -4.33 5.41 -6.49
CA GLY A 17 -5.34 5.03 -5.52
C GLY A 17 -5.33 5.99 -4.35
N LEU A 18 -6.40 5.90 -3.54
CA LEU A 18 -6.52 6.67 -2.32
C LEU A 18 -6.08 5.82 -1.14
N GLY A 19 -5.09 6.34 -0.39
CA GLY A 19 -4.69 5.79 0.91
C GLY A 19 -5.71 6.12 2.00
N THR A 20 -5.79 5.23 2.99
CA THR A 20 -6.76 5.39 4.05
C THR A 20 -6.18 5.14 5.44
N TRP A 21 -4.86 4.94 5.56
CA TRP A 21 -4.27 4.91 6.89
C TRP A 21 -4.33 6.31 7.52
N LYS A 22 -4.85 6.34 8.75
CA LYS A 22 -5.00 7.54 9.58
C LYS A 22 -6.22 8.36 9.17
N SER A 23 -6.99 7.90 8.20
CA SER A 23 -8.28 8.49 7.88
C SER A 23 -9.28 8.08 8.96
N PRO A 24 -9.78 8.97 9.84
CA PRO A 24 -10.65 8.52 10.91
C PRO A 24 -12.00 8.04 10.39
N PRO A 25 -12.65 7.11 11.11
CA PRO A 25 -14.00 6.69 10.77
C PRO A 25 -14.92 7.83 10.38
N GLY A 26 -14.80 8.97 11.10
CA GLY A 26 -15.75 10.05 10.93
C GLY A 26 -15.48 10.89 9.67
N GLN A 27 -14.32 10.72 9.01
CA GLN A 27 -14.07 11.47 7.79
C GLN A 27 -13.83 10.58 6.57
N VAL A 28 -13.63 9.27 6.74
CA VAL A 28 -13.16 8.46 5.63
C VAL A 28 -14.31 8.18 4.64
N THR A 29 -15.54 8.05 5.12
CA THR A 29 -16.69 7.86 4.24
C THR A 29 -16.73 8.99 3.21
N GLU A 30 -16.67 10.24 3.67
CA GLU A 30 -16.75 11.38 2.77
C GLU A 30 -15.52 11.40 1.85
N ALA A 31 -14.36 11.03 2.37
CA ALA A 31 -13.14 11.07 1.57
C ALA A 31 -13.26 10.12 0.37
N VAL A 32 -13.67 8.89 0.65
CA VAL A 32 -13.81 7.89 -0.38
C VAL A 32 -14.89 8.31 -1.37
N LYS A 33 -16.01 8.88 -0.88
CA LYS A 33 -17.03 9.33 -1.82
C LYS A 33 -16.47 10.42 -2.75
N VAL A 34 -15.73 11.36 -2.18
CA VAL A 34 -15.14 12.42 -2.97
C VAL A 34 -14.16 11.84 -3.99
N ALA A 35 -13.28 10.94 -3.54
CA ALA A 35 -12.27 10.37 -4.42
C ALA A 35 -12.94 9.72 -5.62
N ILE A 36 -13.99 8.97 -5.37
CA ILE A 36 -14.70 8.26 -6.43
C ILE A 36 -15.35 9.25 -7.39
N ASP A 37 -16.02 10.28 -6.86
CA ASP A 37 -16.55 11.35 -7.68
C ASP A 37 -15.47 11.96 -8.58
N VAL A 38 -14.31 12.26 -8.01
CA VAL A 38 -13.19 12.83 -8.75
C VAL A 38 -12.66 11.90 -9.84
N GLY A 39 -12.76 10.59 -9.64
CA GLY A 39 -12.36 9.63 -10.65
C GLY A 39 -11.37 8.58 -10.12
N TYR A 40 -11.03 8.59 -8.82
CA TYR A 40 -10.18 7.51 -8.33
C TYR A 40 -10.94 6.19 -8.49
N ARG A 41 -10.20 5.12 -8.84
CA ARG A 41 -10.86 3.84 -9.04
C ARG A 41 -10.18 2.74 -8.24
N HIS A 42 -9.35 3.17 -7.29
CA HIS A 42 -8.54 2.28 -6.49
C HIS A 42 -8.54 2.85 -5.09
N ILE A 43 -8.90 2.01 -4.10
CA ILE A 43 -8.81 2.37 -2.69
C ILE A 43 -7.89 1.37 -2.00
N ASP A 44 -6.91 1.90 -1.22
CA ASP A 44 -6.02 1.08 -0.44
C ASP A 44 -6.52 1.08 1.00
N CYS A 45 -6.85 -0.12 1.48
CA CYS A 45 -7.44 -0.32 2.79
C CYS A 45 -6.62 -1.32 3.62
N ALA A 46 -6.99 -1.40 4.90
CA ALA A 46 -6.42 -2.44 5.74
C ALA A 46 -7.24 -2.58 7.03
N HIS A 47 -7.30 -3.83 7.51
CA HIS A 47 -7.94 -4.10 8.76
C HIS A 47 -7.35 -3.21 9.86
N VAL A 48 -6.01 -3.15 9.94
CA VAL A 48 -5.33 -2.37 10.97
C VAL A 48 -5.66 -0.87 10.89
N TYR A 49 -6.17 -0.34 9.79
CA TYR A 49 -6.53 1.08 9.74
C TYR A 49 -7.84 1.37 10.46
N GLN A 50 -8.55 0.33 10.89
CA GLN A 50 -9.68 0.45 11.79
C GLN A 50 -10.78 1.33 11.23
N ASN A 51 -10.97 1.33 9.90
CA ASN A 51 -12.00 2.15 9.30
C ASN A 51 -12.65 1.47 8.10
N GLU A 52 -12.52 0.15 7.98
CA GLU A 52 -13.00 -0.54 6.79
C GLU A 52 -14.51 -0.43 6.66
N ASN A 53 -15.21 -0.42 7.80
CA ASN A 53 -16.64 -0.27 7.79
C ASN A 53 -17.03 1.02 7.06
N GLU A 54 -16.35 2.11 7.42
CA GLU A 54 -16.71 3.43 6.92
C GLU A 54 -16.28 3.60 5.45
N VAL A 55 -15.18 2.94 5.03
CA VAL A 55 -14.84 2.80 3.62
C VAL A 55 -15.96 2.04 2.90
N GLY A 56 -16.44 0.93 3.50
CA GLY A 56 -17.52 0.14 2.94
C GLY A 56 -18.76 0.97 2.66
N VAL A 57 -19.14 1.84 3.60
CA VAL A 57 -20.34 2.66 3.51
C VAL A 57 -20.26 3.56 2.28
N ALA A 58 -19.09 4.16 2.07
CA ALA A 58 -18.86 5.01 0.93
C ALA A 58 -19.03 4.25 -0.40
N ILE A 59 -18.37 3.09 -0.49
CA ILE A 59 -18.43 2.35 -1.73
C ILE A 59 -19.88 1.96 -2.00
N GLN A 60 -20.56 1.45 -0.99
CA GLN A 60 -21.96 1.09 -1.17
C GLN A 60 -22.78 2.25 -1.72
N GLU A 61 -22.60 3.45 -1.15
CA GLU A 61 -23.36 4.60 -1.62
C GLU A 61 -23.07 4.92 -3.08
N LYS A 62 -21.81 4.84 -3.50
CA LYS A 62 -21.48 5.27 -4.84
C LYS A 62 -21.95 4.23 -5.85
N LEU A 63 -22.02 2.97 -5.41
CA LEU A 63 -22.60 1.92 -6.24
C LEU A 63 -24.10 2.19 -6.40
N ARG A 64 -24.78 2.41 -5.27
CA ARG A 64 -26.20 2.73 -5.25
C ARG A 64 -26.52 3.97 -6.05
N GLU A 65 -25.67 5.00 -6.03
CA GLU A 65 -25.85 6.21 -6.80
C GLU A 65 -25.54 5.97 -8.28
N GLN A 66 -24.89 4.84 -8.60
CA GLN A 66 -24.49 4.48 -9.94
C GLN A 66 -23.41 5.42 -10.46
N VAL A 67 -22.57 5.93 -9.57
CA VAL A 67 -21.44 6.71 -10.00
C VAL A 67 -20.39 5.77 -10.59
N VAL A 68 -20.39 4.52 -10.12
CA VAL A 68 -19.34 3.60 -10.49
C VAL A 68 -19.94 2.21 -10.36
N LYS A 69 -19.36 1.25 -11.07
CA LYS A 69 -19.73 -0.15 -10.93
C LYS A 69 -18.66 -0.89 -10.13
N ARG A 70 -19.03 -1.99 -9.46
CA ARG A 70 -18.06 -2.74 -8.67
C ARG A 70 -16.82 -3.15 -9.49
N GLU A 71 -17.03 -3.57 -10.74
CA GLU A 71 -15.95 -4.09 -11.57
C GLU A 71 -15.04 -2.98 -12.09
N GLU A 72 -15.43 -1.70 -11.95
CA GLU A 72 -14.52 -0.61 -12.31
C GLU A 72 -13.68 -0.20 -11.10
N LEU A 73 -13.93 -0.79 -9.92
CA LEU A 73 -13.18 -0.45 -8.73
C LEU A 73 -12.15 -1.51 -8.43
N PHE A 74 -11.02 -1.06 -7.91
CA PHE A 74 -9.95 -1.91 -7.44
C PHE A 74 -9.77 -1.67 -5.95
N ILE A 75 -10.22 -2.62 -5.15
CA ILE A 75 -10.13 -2.51 -3.69
C ILE A 75 -9.09 -3.48 -3.18
N VAL A 76 -8.15 -2.93 -2.42
CA VAL A 76 -7.07 -3.66 -1.80
C VAL A 76 -7.30 -3.66 -0.30
N SER A 77 -7.10 -4.82 0.33
CA SER A 77 -6.90 -4.84 1.77
C SER A 77 -5.73 -5.76 2.12
N LYS A 78 -5.51 -5.92 3.45
CA LYS A 78 -4.26 -6.45 3.96
C LYS A 78 -4.50 -7.23 5.24
N LEU A 79 -3.87 -8.40 5.30
CA LEU A 79 -3.91 -9.32 6.43
C LEU A 79 -2.95 -8.82 7.49
N TRP A 80 -3.46 -8.48 8.66
CA TRP A 80 -2.63 -7.90 9.70
C TRP A 80 -1.74 -8.98 10.32
N CYS A 81 -0.70 -8.52 11.04
CA CYS A 81 0.35 -9.40 11.53
C CYS A 81 -0.17 -10.43 12.54
N THR A 82 -1.29 -10.14 13.22
CA THR A 82 -1.80 -10.99 14.28
C THR A 82 -2.62 -12.13 13.69
N TYR A 83 -2.61 -12.27 12.36
CA TYR A 83 -3.39 -13.28 11.68
C TYR A 83 -2.56 -14.13 10.71
N HIS A 84 -1.24 -14.24 10.91
CA HIS A 84 -0.36 -14.98 10.00
C HIS A 84 -0.57 -16.50 10.12
N GLU A 85 -1.10 -16.99 11.25
CA GLU A 85 -1.36 -18.43 11.38
C GLU A 85 -2.29 -18.87 10.25
N LYS A 86 -1.91 -19.96 9.61
CA LYS A 86 -2.62 -20.45 8.45
C LYS A 86 -4.12 -20.48 8.70
N GLY A 87 -4.51 -21.02 9.86
CA GLY A 87 -5.91 -21.24 10.16
C GLY A 87 -6.71 -19.95 10.38
N LEU A 88 -6.01 -18.82 10.52
CA LEU A 88 -6.64 -17.54 10.83
C LEU A 88 -6.80 -16.67 9.59
N VAL A 89 -6.11 -17.02 8.50
CA VAL A 89 -6.03 -16.15 7.31
C VAL A 89 -7.42 -15.93 6.69
N LYS A 90 -8.20 -17.01 6.53
CA LYS A 90 -9.48 -16.93 5.84
C LYS A 90 -10.47 -16.07 6.64
N GLY A 91 -10.52 -16.31 7.95
CA GLY A 91 -11.36 -15.54 8.86
C GLY A 91 -11.04 -14.05 8.80
N ALA A 92 -9.75 -13.74 8.73
CA ALA A 92 -9.36 -12.34 8.66
C ALA A 92 -9.87 -11.73 7.35
N CYS A 93 -9.73 -12.48 6.26
CA CYS A 93 -10.14 -12.02 4.95
C CYS A 93 -11.64 -11.75 4.93
N GLN A 94 -12.42 -12.69 5.48
CA GLN A 94 -13.87 -12.61 5.46
C GLN A 94 -14.38 -11.48 6.36
N LYS A 95 -13.66 -11.21 7.45
CA LYS A 95 -14.01 -10.10 8.32
C LYS A 95 -13.83 -8.78 7.58
N THR A 96 -12.69 -8.65 6.87
CA THR A 96 -12.46 -7.47 6.04
C THR A 96 -13.54 -7.32 4.97
N LEU A 97 -13.88 -8.41 4.29
CA LEU A 97 -14.93 -8.38 3.29
C LEU A 97 -16.25 -7.94 3.91
N SER A 98 -16.57 -8.43 5.11
CA SER A 98 -17.85 -8.10 5.72
C SER A 98 -17.87 -6.60 6.03
N ASP A 99 -16.78 -6.06 6.58
CA ASP A 99 -16.67 -4.65 6.91
C ASP A 99 -16.77 -3.79 5.66
N LEU A 100 -16.08 -4.17 4.58
CA LEU A 100 -16.09 -3.39 3.38
C LEU A 100 -17.42 -3.57 2.63
N LYS A 101 -18.21 -4.56 3.04
CA LYS A 101 -19.46 -4.91 2.37
C LYS A 101 -19.24 -5.27 0.91
N LEU A 102 -18.18 -6.03 0.64
CA LEU A 102 -17.88 -6.52 -0.69
C LEU A 102 -17.99 -8.04 -0.75
N ASP A 103 -18.09 -8.58 -1.97
CA ASP A 103 -18.08 -10.02 -2.13
C ASP A 103 -16.67 -10.53 -2.38
N TYR A 104 -15.78 -9.65 -2.86
CA TYR A 104 -14.40 -10.05 -3.11
C TYR A 104 -13.51 -8.83 -3.03
N LEU A 105 -12.21 -9.08 -2.79
CA LEU A 105 -11.16 -8.07 -2.89
C LEU A 105 -10.47 -8.24 -4.23
N ASP A 106 -10.06 -7.12 -4.81
CA ASP A 106 -9.25 -7.14 -6.00
C ASP A 106 -7.83 -7.63 -5.69
N LEU A 107 -7.40 -7.40 -4.46
CA LEU A 107 -6.03 -7.66 -4.06
C LEU A 107 -5.97 -7.70 -2.55
N TYR A 108 -5.37 -8.77 -2.02
CA TYR A 108 -5.19 -8.93 -0.60
C TYR A 108 -3.71 -9.20 -0.37
N LEU A 109 -3.12 -8.40 0.53
CA LEU A 109 -1.70 -8.47 0.81
C LEU A 109 -1.43 -9.00 2.21
N ILE A 110 -0.29 -9.68 2.33
CA ILE A 110 0.33 -9.88 3.64
C ILE A 110 0.97 -8.55 4.02
N HIS A 111 0.43 -7.97 5.09
CA HIS A 111 0.67 -6.57 5.39
C HIS A 111 2.14 -6.32 5.68
N TRP A 112 2.70 -7.20 6.53
CA TRP A 112 4.10 -7.20 6.88
C TRP A 112 4.60 -8.65 6.95
N PRO A 113 5.91 -8.92 6.75
CA PRO A 113 6.41 -10.28 6.85
C PRO A 113 6.39 -10.90 8.25
N THR A 114 6.26 -10.05 9.27
CA THR A 114 6.38 -10.43 10.68
C THR A 114 5.02 -10.83 11.25
N GLY A 115 4.92 -12.09 11.71
CA GLY A 115 3.78 -12.54 12.45
C GLY A 115 3.85 -12.09 13.91
N PHE A 116 2.73 -11.54 14.42
CA PHE A 116 2.60 -11.29 15.86
C PHE A 116 1.62 -12.25 16.50
N LYS A 117 1.67 -12.31 17.84
CA LYS A 117 0.77 -13.16 18.61
C LYS A 117 -0.70 -12.82 18.35
N PRO A 118 -1.52 -13.85 18.01
CA PRO A 118 -2.92 -13.62 17.70
C PRO A 118 -3.65 -13.17 18.95
N GLY A 119 -4.72 -12.37 18.78
CA GLY A 119 -5.48 -11.85 19.89
C GLY A 119 -6.19 -10.56 19.50
N LYS A 120 -6.65 -9.82 20.51
CA LYS A 120 -7.48 -8.65 20.27
C LYS A 120 -6.61 -7.46 19.89
N GLU A 121 -5.39 -7.39 20.39
CA GLU A 121 -4.52 -6.23 20.19
C GLU A 121 -3.81 -6.30 18.83
N PHE A 122 -3.70 -5.15 18.17
CA PHE A 122 -2.94 -5.03 16.94
C PHE A 122 -1.43 -5.13 17.19
N PHE A 123 -0.97 -4.61 18.33
CA PHE A 123 0.44 -4.73 18.69
C PHE A 123 0.50 -5.34 20.09
N PRO A 124 0.47 -6.68 20.21
CA PRO A 124 0.51 -7.33 21.52
C PRO A 124 1.91 -7.22 22.15
N LEU A 125 1.98 -6.60 23.32
CA LEU A 125 3.23 -6.34 24.01
C LEU A 125 3.42 -7.35 25.13
N ASP A 126 4.68 -7.74 25.38
CA ASP A 126 5.01 -8.60 26.50
C ASP A 126 5.32 -7.70 27.71
N GLU A 127 5.82 -8.32 28.80
CA GLU A 127 6.09 -7.60 30.02
C GLU A 127 7.19 -6.57 29.83
N SER A 128 8.06 -6.74 28.82
CA SER A 128 9.15 -5.81 28.56
C SER A 128 8.71 -4.65 27.67
N GLY A 129 7.47 -4.68 27.19
CA GLY A 129 7.00 -3.61 26.32
C GLY A 129 7.41 -3.82 24.88
N ASN A 130 7.80 -5.05 24.51
CA ASN A 130 8.07 -5.37 23.12
C ASN A 130 6.91 -6.13 22.48
N VAL A 131 6.83 -6.09 21.16
CA VAL A 131 5.77 -6.82 20.45
C VAL A 131 6.02 -8.32 20.56
N VAL A 132 4.98 -9.11 20.78
CA VAL A 132 5.17 -10.54 20.94
C VAL A 132 5.06 -11.20 19.57
N PRO A 133 6.09 -11.91 19.07
CA PRO A 133 6.01 -12.60 17.77
C PRO A 133 5.14 -13.83 17.87
N SER A 134 4.61 -14.29 16.73
CA SER A 134 4.03 -15.63 16.64
C SER A 134 4.99 -16.57 15.92
N ASP A 135 4.73 -17.86 16.13
CA ASP A 135 5.49 -18.93 15.48
C ASP A 135 4.86 -19.26 14.12
N THR A 136 5.15 -18.39 13.16
CA THR A 136 4.51 -18.41 11.87
C THR A 136 5.61 -18.15 10.86
N ASN A 137 5.37 -18.59 9.64
CA ASN A 137 6.35 -18.33 8.62
C ASN A 137 5.62 -17.92 7.36
N ILE A 138 6.38 -17.23 6.55
CA ILE A 138 5.87 -16.61 5.36
C ILE A 138 5.29 -17.64 4.42
N LEU A 139 5.98 -18.77 4.21
CA LEU A 139 5.51 -19.71 3.19
C LEU A 139 4.17 -20.34 3.57
N ASP A 140 3.94 -20.58 4.85
CA ASP A 140 2.67 -21.16 5.27
C ASP A 140 1.57 -20.12 5.19
N THR A 141 1.90 -18.88 5.53
CA THR A 141 0.91 -17.82 5.36
C THR A 141 0.59 -17.68 3.88
N TRP A 142 1.61 -17.71 3.02
CA TRP A 142 1.35 -17.65 1.59
C TRP A 142 0.39 -18.74 1.12
N ALA A 143 0.62 -19.96 1.59
CA ALA A 143 -0.23 -21.08 1.22
C ALA A 143 -1.68 -20.75 1.57
N ALA A 144 -1.92 -20.14 2.73
CA ALA A 144 -3.28 -19.84 3.15
C ALA A 144 -3.86 -18.71 2.30
N MET A 145 -3.02 -17.75 1.86
CA MET A 145 -3.45 -16.68 0.96
C MET A 145 -3.87 -17.27 -0.38
N GLU A 146 -3.10 -18.26 -0.83
CA GLU A 146 -3.35 -18.95 -2.10
C GLU A 146 -4.74 -19.56 -2.09
N GLU A 147 -5.13 -20.11 -0.95
CA GLU A 147 -6.42 -20.77 -0.85
C GLU A 147 -7.57 -19.78 -1.03
N LEU A 148 -7.36 -18.52 -0.66
CA LEU A 148 -8.36 -17.48 -0.81
C LEU A 148 -8.68 -17.21 -2.26
N VAL A 149 -7.65 -17.33 -3.09
CA VAL A 149 -7.80 -17.18 -4.52
C VAL A 149 -8.61 -18.37 -5.03
N ASP A 150 -8.26 -19.57 -4.57
CA ASP A 150 -8.92 -20.72 -5.13
C ASP A 150 -10.42 -20.64 -4.83
N GLU A 151 -10.77 -20.12 -3.65
CA GLU A 151 -12.15 -19.95 -3.23
C GLU A 151 -12.83 -18.73 -3.86
N GLY A 152 -12.06 -17.89 -4.55
CA GLY A 152 -12.62 -16.75 -5.25
C GLY A 152 -12.95 -15.59 -4.32
N LEU A 153 -12.38 -15.57 -3.11
CA LEU A 153 -12.57 -14.46 -2.19
C LEU A 153 -11.78 -13.24 -2.65
N VAL A 154 -10.67 -13.47 -3.34
CA VAL A 154 -9.80 -12.38 -3.74
C VAL A 154 -9.30 -12.71 -5.13
N LYS A 155 -9.14 -11.67 -5.94
CA LYS A 155 -8.77 -11.82 -7.34
C LYS A 155 -7.26 -11.95 -7.44
N ALA A 156 -6.55 -11.40 -6.45
CA ALA A 156 -5.10 -11.39 -6.51
C ALA A 156 -4.54 -11.34 -5.09
N ILE A 157 -3.33 -11.86 -4.94
CA ILE A 157 -2.66 -11.80 -3.66
C ILE A 157 -1.26 -11.25 -3.87
N GLY A 158 -0.74 -10.67 -2.81
CA GLY A 158 0.58 -10.08 -2.86
C GLY A 158 1.10 -9.86 -1.45
N ILE A 159 2.15 -9.03 -1.37
CA ILE A 159 2.92 -8.89 -0.15
C ILE A 159 3.18 -7.42 0.02
N SER A 160 3.61 -7.03 1.21
CA SER A 160 3.90 -5.64 1.47
C SER A 160 5.04 -5.60 2.47
N ASN A 161 6.02 -4.71 2.22
CA ASN A 161 7.20 -4.55 3.04
C ASN A 161 8.06 -5.81 3.05
N PHE A 162 8.08 -6.57 1.93
CA PHE A 162 8.97 -7.72 1.82
C PHE A 162 10.27 -7.28 1.15
N ASN A 163 11.39 -7.76 1.67
CA ASN A 163 12.67 -7.56 0.98
C ASN A 163 12.84 -8.60 -0.14
N HIS A 164 13.90 -8.46 -0.93
CA HIS A 164 13.97 -9.28 -2.14
C HIS A 164 14.14 -10.75 -1.79
N LEU A 165 14.79 -11.05 -0.66
CA LEU A 165 14.98 -12.45 -0.29
C LEU A 165 13.65 -13.04 0.13
N GLN A 166 12.80 -12.27 0.80
CA GLN A 166 11.50 -12.79 1.22
C GLN A 166 10.62 -13.04 -0.01
N VAL A 167 10.74 -12.16 -1.00
CA VAL A 167 10.00 -12.38 -2.23
C VAL A 167 10.50 -13.65 -2.92
N GLU A 168 11.83 -13.79 -2.99
CA GLU A 168 12.44 -14.90 -3.69
C GLU A 168 11.97 -16.19 -3.04
N MET A 169 11.82 -16.16 -1.73
CA MET A 169 11.42 -17.33 -0.99
C MET A 169 10.06 -17.81 -1.48
N ILE A 170 9.12 -16.89 -1.69
CA ILE A 170 7.82 -17.25 -2.20
C ILE A 170 7.96 -17.72 -3.64
N LEU A 171 8.70 -16.98 -4.48
CA LEU A 171 8.80 -17.35 -5.89
C LEU A 171 9.40 -18.75 -6.04
N ASN A 172 10.30 -19.15 -5.13
CA ASN A 172 10.96 -20.44 -5.25
C ASN A 172 10.23 -21.51 -4.45
N LYS A 173 9.07 -21.23 -3.86
CA LYS A 173 8.38 -22.23 -3.07
C LYS A 173 8.06 -23.45 -3.93
N PRO A 174 8.41 -24.68 -3.50
CA PRO A 174 7.99 -25.89 -4.22
C PRO A 174 6.47 -25.98 -4.20
N GLY A 175 5.84 -26.25 -5.34
CA GLY A 175 4.39 -26.34 -5.40
C GLY A 175 3.69 -24.96 -5.38
N LEU A 176 4.43 -23.87 -5.64
CA LEU A 176 3.86 -22.53 -5.67
C LEU A 176 2.63 -22.56 -6.56
N LYS A 177 1.54 -21.94 -6.11
CA LYS A 177 0.34 -21.89 -6.93
C LYS A 177 0.22 -20.54 -7.63
N TYR A 178 0.48 -19.44 -6.89
CA TYR A 178 0.37 -18.10 -7.41
C TYR A 178 1.55 -17.27 -6.97
N LYS A 179 2.20 -16.65 -7.94
CA LYS A 179 3.19 -15.65 -7.65
C LYS A 179 2.49 -14.45 -7.01
N PRO A 180 3.21 -13.69 -6.16
CA PRO A 180 2.69 -12.39 -5.72
C PRO A 180 2.43 -11.47 -6.90
N ALA A 181 1.27 -10.82 -6.90
CA ALA A 181 0.96 -9.88 -7.95
C ALA A 181 1.65 -8.53 -7.73
N VAL A 182 1.83 -8.18 -6.45
CA VAL A 182 2.20 -6.83 -6.03
C VAL A 182 3.09 -6.94 -4.81
N ASN A 183 4.08 -6.05 -4.73
CA ASN A 183 4.78 -5.75 -3.49
C ASN A 183 4.59 -4.25 -3.23
N GLN A 184 3.90 -3.94 -2.13
CA GLN A 184 3.66 -2.57 -1.69
C GLN A 184 4.71 -2.20 -0.65
N ILE A 185 5.46 -1.15 -0.95
CA ILE A 185 6.62 -0.73 -0.17
C ILE A 185 6.61 0.78 -0.05
N GLU A 186 7.26 1.27 1.02
CA GLU A 186 7.46 2.69 1.18
C GLU A 186 8.36 3.17 0.05
N CYS A 187 7.98 4.28 -0.58
CA CYS A 187 8.78 4.76 -1.70
C CYS A 187 8.51 6.23 -1.94
N HIS A 188 9.59 7.03 -1.96
CA HIS A 188 9.55 8.46 -2.18
C HIS A 188 10.97 8.95 -2.41
N PRO A 189 11.18 10.24 -2.71
CA PRO A 189 12.54 10.71 -3.01
C PRO A 189 13.59 10.51 -1.92
N TYR A 190 13.20 10.30 -0.65
CA TYR A 190 14.19 10.02 0.38
C TYR A 190 14.39 8.52 0.62
N LEU A 191 13.66 7.68 -0.12
CA LEU A 191 13.79 6.24 -0.03
C LEU A 191 13.35 5.65 -1.36
N THR A 192 14.25 5.65 -2.34
CA THR A 192 13.87 5.54 -3.74
C THR A 192 13.77 4.08 -4.19
N GLN A 193 14.38 3.17 -3.44
CA GLN A 193 14.09 1.76 -3.56
C GLN A 193 14.50 1.18 -4.92
N GLU A 194 15.59 1.70 -5.51
CA GLU A 194 15.93 1.33 -6.88
C GLU A 194 16.13 -0.17 -6.99
N LYS A 195 16.83 -0.80 -6.05
CA LYS A 195 17.18 -2.18 -6.22
C LYS A 195 15.98 -3.11 -6.04
N LEU A 196 15.13 -2.81 -5.05
CA LEU A 196 13.99 -3.70 -4.87
C LEU A 196 12.99 -3.51 -6.00
N ILE A 197 12.85 -2.27 -6.48
CA ILE A 197 12.01 -2.02 -7.65
C ILE A 197 12.53 -2.79 -8.86
N GLN A 198 13.83 -2.69 -9.13
CA GLN A 198 14.38 -3.40 -10.27
C GLN A 198 14.14 -4.91 -10.13
N TYR A 199 14.37 -5.44 -8.93
CA TYR A 199 14.16 -6.85 -8.69
C TYR A 199 12.71 -7.25 -8.95
N CYS A 200 11.76 -6.59 -8.30
CA CYS A 200 10.34 -6.96 -8.44
C CYS A 200 9.83 -6.87 -9.88
N GLN A 201 10.14 -5.75 -10.54
CA GLN A 201 9.74 -5.52 -11.92
C GLN A 201 10.33 -6.61 -12.80
N SER A 202 11.57 -7.01 -12.51
CA SER A 202 12.19 -8.07 -13.27
C SER A 202 11.40 -9.37 -13.12
N LYS A 203 10.60 -9.52 -12.06
CA LYS A 203 9.93 -10.79 -11.84
C LYS A 203 8.47 -10.69 -12.23
N GLY A 204 8.07 -9.55 -12.81
CA GLY A 204 6.69 -9.35 -13.21
C GLY A 204 5.79 -8.99 -12.04
N ILE A 205 6.40 -8.49 -10.95
CA ILE A 205 5.65 -8.08 -9.78
C ILE A 205 5.52 -6.57 -9.81
N VAL A 206 4.28 -6.07 -9.71
CA VAL A 206 4.02 -4.65 -9.69
C VAL A 206 4.33 -4.08 -8.29
N VAL A 207 5.04 -2.94 -8.27
CA VAL A 207 5.35 -2.26 -7.03
C VAL A 207 4.35 -1.10 -6.83
N THR A 208 3.78 -1.07 -5.63
CA THR A 208 3.02 0.08 -5.17
C THR A 208 3.87 0.88 -4.18
N ALA A 209 3.92 2.20 -4.42
CA ALA A 209 4.64 3.13 -3.57
C ALA A 209 3.68 3.71 -2.52
N TYR A 210 3.99 3.46 -1.23
CA TYR A 210 3.21 4.01 -0.14
C TYR A 210 3.97 5.19 0.50
N SER A 211 3.25 5.99 1.30
CA SER A 211 3.77 7.21 1.92
C SER A 211 4.53 8.04 0.89
N PRO A 212 3.96 8.29 -0.30
CA PRO A 212 4.66 9.03 -1.34
C PRO A 212 4.94 10.47 -0.95
N LEU A 213 4.19 11.00 0.02
CA LEU A 213 4.39 12.37 0.43
C LEU A 213 5.18 12.42 1.73
N GLY A 214 5.68 11.24 2.15
CA GLY A 214 6.47 11.11 3.35
C GLY A 214 5.60 11.01 4.61
N SER A 215 4.29 10.78 4.49
CA SER A 215 3.48 10.48 5.67
C SER A 215 3.71 11.52 6.77
N PRO A 216 3.53 12.82 6.49
CA PRO A 216 3.74 13.85 7.51
C PRO A 216 2.82 13.76 8.72
N ASP A 217 1.73 13.00 8.57
CA ASP A 217 0.76 12.83 9.64
C ASP A 217 0.98 11.54 10.43
N ARG A 218 2.00 10.73 10.12
CA ARG A 218 2.28 9.58 10.94
C ARG A 218 2.47 10.03 12.38
N PRO A 219 1.89 9.28 13.35
CA PRO A 219 1.86 9.74 14.73
C PRO A 219 3.21 10.09 15.29
N TRP A 220 4.28 9.50 14.75
CA TRP A 220 5.60 9.67 15.35
C TRP A 220 6.46 10.71 14.66
N ALA A 221 5.94 11.48 13.71
CA ALA A 221 6.76 12.48 13.04
C ALA A 221 7.35 13.44 14.07
N LYS A 222 8.64 13.77 13.93
CA LYS A 222 9.29 14.77 14.76
C LYS A 222 9.52 16.02 13.89
N PRO A 223 9.45 17.26 14.45
CA PRO A 223 9.68 18.50 13.68
C PRO A 223 11.00 18.59 12.92
N GLU A 224 12.04 17.91 13.42
CA GLU A 224 13.34 17.93 12.77
C GLU A 224 13.40 16.95 11.61
N ASP A 225 12.38 16.09 11.47
CA ASP A 225 12.34 15.10 10.41
C ASP A 225 12.34 15.86 9.08
N PRO A 226 13.06 15.36 8.06
CA PRO A 226 13.02 15.99 6.73
C PRO A 226 11.60 15.91 6.18
N SER A 227 11.23 16.91 5.38
CA SER A 227 9.85 17.08 4.93
C SER A 227 9.79 17.25 3.40
N LEU A 228 9.25 16.24 2.71
CA LEU A 228 9.20 16.26 1.25
C LEU A 228 8.32 17.40 0.77
N LEU A 229 7.16 17.59 1.38
CA LEU A 229 6.22 18.62 0.93
C LEU A 229 6.82 20.03 1.02
N GLU A 230 7.84 20.23 1.87
CA GLU A 230 8.41 21.55 2.07
C GLU A 230 9.82 21.64 1.50
N ASP A 231 10.30 20.59 0.84
CA ASP A 231 11.62 20.64 0.25
C ASP A 231 11.64 21.68 -0.87
N PRO A 232 12.50 22.74 -0.79
CA PRO A 232 12.53 23.77 -1.83
C PRO A 232 13.01 23.26 -3.19
N ARG A 233 13.81 22.20 -3.19
CA ARG A 233 14.28 21.60 -4.42
C ARG A 233 13.09 21.01 -5.19
N ILE A 234 12.12 20.45 -4.46
CA ILE A 234 10.98 19.80 -5.07
C ILE A 234 9.95 20.87 -5.46
N LYS A 235 9.80 21.90 -4.64
CA LYS A 235 8.93 23.00 -5.02
C LYS A 235 9.38 23.65 -6.33
N ALA A 236 10.69 23.72 -6.57
CA ALA A 236 11.19 24.39 -7.76
C ALA A 236 10.79 23.57 -9.00
N ILE A 237 10.91 22.23 -8.89
CA ILE A 237 10.47 21.34 -9.96
C ILE A 237 8.97 21.52 -10.17
N ALA A 238 8.19 21.50 -9.07
CA ALA A 238 6.76 21.78 -9.15
C ALA A 238 6.46 23.08 -9.87
N ALA A 239 7.01 24.19 -9.36
CA ALA A 239 6.75 25.51 -9.94
C ALA A 239 6.99 25.49 -11.46
N LYS A 240 8.05 24.82 -11.90
CA LYS A 240 8.38 24.72 -13.32
C LYS A 240 7.23 24.12 -14.13
N HIS A 241 6.34 23.32 -13.51
CA HIS A 241 5.24 22.69 -14.23
C HIS A 241 3.93 23.34 -13.84
N ASN A 242 3.99 24.34 -12.97
CA ASN A 242 2.77 24.98 -12.49
C ASN A 242 1.90 23.95 -11.77
N LYS A 243 2.56 23.09 -10.98
CA LYS A 243 1.87 22.07 -10.21
C LYS A 243 2.28 22.23 -8.75
N THR A 244 1.66 21.45 -7.84
CA THR A 244 2.06 21.47 -6.43
C THR A 244 3.12 20.41 -6.17
N THR A 245 3.74 20.54 -4.99
CA THR A 245 4.78 19.63 -4.56
C THR A 245 4.17 18.23 -4.45
N ALA A 246 2.95 18.14 -3.93
CA ALA A 246 2.27 16.86 -3.83
C ALA A 246 2.13 16.22 -5.20
N GLN A 247 1.69 17.02 -6.19
CA GLN A 247 1.47 16.53 -7.54
C GLN A 247 2.75 15.96 -8.13
N VAL A 248 3.88 16.64 -7.93
CA VAL A 248 5.17 16.12 -8.35
C VAL A 248 5.49 14.80 -7.66
N LEU A 249 5.23 14.73 -6.35
CA LEU A 249 5.58 13.57 -5.55
C LEU A 249 4.71 12.38 -5.95
N ILE A 250 3.52 12.67 -6.50
CA ILE A 250 2.64 11.61 -6.97
C ILE A 250 3.04 11.16 -8.38
N ARG A 251 3.37 12.13 -9.22
CA ARG A 251 3.78 11.87 -10.59
C ARG A 251 5.08 11.06 -10.63
N PHE A 252 5.97 11.29 -9.67
CA PHE A 252 7.31 10.68 -9.72
C PHE A 252 7.22 9.16 -9.78
N PRO A 253 6.60 8.48 -8.79
CA PRO A 253 6.46 7.02 -8.85
C PRO A 253 5.76 6.56 -10.13
N MET A 254 4.75 7.32 -10.55
CA MET A 254 3.98 6.93 -11.71
C MET A 254 4.92 6.77 -12.90
N GLN A 255 5.92 7.66 -13.04
CA GLN A 255 6.80 7.58 -14.19
C GLN A 255 7.84 6.50 -14.02
N ARG A 256 7.88 5.84 -12.86
CA ARG A 256 8.76 4.70 -12.70
C ARG A 256 7.93 3.41 -12.84
N ASN A 257 6.68 3.54 -13.28
CA ASN A 257 5.79 2.40 -13.46
C ASN A 257 5.48 1.75 -12.12
N LEU A 258 5.27 2.60 -11.12
CA LEU A 258 4.78 2.18 -9.82
C LEU A 258 3.36 2.71 -9.62
N VAL A 259 2.53 1.92 -8.94
CA VAL A 259 1.26 2.38 -8.42
C VAL A 259 1.55 3.26 -7.20
N VAL A 260 0.71 4.27 -6.97
CA VAL A 260 0.93 5.19 -5.88
C VAL A 260 -0.40 5.51 -5.20
N ILE A 261 -0.38 5.66 -3.86
CA ILE A 261 -1.58 5.68 -3.05
C ILE A 261 -1.52 6.77 -1.99
N PRO A 262 -1.46 8.07 -2.40
CA PRO A 262 -1.48 9.20 -1.46
C PRO A 262 -2.79 9.25 -0.68
N LYS A 263 -2.66 9.55 0.61
CA LYS A 263 -3.77 9.63 1.54
C LYS A 263 -4.18 11.09 1.74
N SER A 264 -5.48 11.37 1.64
CA SER A 264 -6.06 12.61 2.15
C SER A 264 -7.50 12.38 2.58
N VAL A 265 -7.90 13.12 3.63
CA VAL A 265 -9.30 13.24 3.99
C VAL A 265 -9.83 14.59 3.52
N THR A 266 -9.00 15.38 2.86
CA THR A 266 -9.35 16.76 2.55
C THR A 266 -9.83 16.81 1.12
N PRO A 267 -11.14 17.07 0.86
CA PRO A 267 -11.69 17.07 -0.49
C PRO A 267 -10.86 17.80 -1.52
N GLU A 268 -10.38 19.00 -1.17
CA GLU A 268 -9.63 19.82 -2.11
C GLU A 268 -8.32 19.11 -2.45
N ARG A 269 -7.70 18.44 -1.47
CA ARG A 269 -6.44 17.77 -1.75
C ARG A 269 -6.70 16.44 -2.47
N ILE A 270 -7.82 15.78 -2.17
CA ILE A 270 -8.12 14.55 -2.90
C ILE A 270 -8.19 14.93 -4.37
N ALA A 271 -8.89 16.03 -4.67
CA ALA A 271 -9.00 16.56 -6.02
C ALA A 271 -7.65 16.95 -6.62
N GLU A 272 -6.84 17.73 -5.89
CA GLU A 272 -5.50 18.10 -6.34
C GLU A 272 -4.66 16.89 -6.67
N ASN A 273 -4.68 15.88 -5.80
CA ASN A 273 -3.82 14.73 -5.93
C ASN A 273 -4.17 13.92 -7.20
N PHE A 274 -5.40 14.05 -7.69
CA PHE A 274 -5.85 13.34 -8.87
C PHE A 274 -5.42 13.99 -10.19
N LYS A 275 -4.94 15.24 -10.12
CA LYS A 275 -4.58 16.00 -11.30
C LYS A 275 -3.11 15.75 -11.60
N VAL A 276 -2.81 14.48 -11.90
CA VAL A 276 -1.44 14.10 -12.17
C VAL A 276 -1.33 13.40 -13.52
N PHE A 277 -2.39 13.42 -14.34
CA PHE A 277 -2.33 12.72 -15.62
C PHE A 277 -2.03 13.66 -16.79
N ASP A 278 -1.99 14.98 -16.53
CA ASP A 278 -1.90 15.98 -17.59
C ASP A 278 -0.56 16.72 -17.58
N PHE A 279 0.47 16.12 -16.99
CA PHE A 279 1.80 16.65 -17.11
C PHE A 279 2.80 15.53 -16.96
N GLU A 280 4.06 15.87 -17.15
CA GLU A 280 5.13 14.90 -17.27
C GLU A 280 6.40 15.50 -16.67
N LEU A 281 7.07 14.74 -15.80
CA LEU A 281 8.37 15.15 -15.34
C LEU A 281 9.39 14.82 -16.42
N SER A 282 10.37 15.72 -16.59
CA SER A 282 11.43 15.50 -17.55
C SER A 282 12.31 14.37 -17.05
N SER A 283 13.11 13.79 -17.95
CA SER A 283 14.00 12.74 -17.52
C SER A 283 15.08 13.32 -16.60
N GLN A 284 15.41 14.61 -16.77
CA GLN A 284 16.34 15.26 -15.85
C GLN A 284 15.71 15.40 -14.45
N ASP A 285 14.44 15.84 -14.42
CA ASP A 285 13.64 15.92 -13.21
C ASP A 285 13.67 14.58 -12.48
N MET A 286 13.48 13.48 -13.21
CA MET A 286 13.43 12.16 -12.60
C MET A 286 14.79 11.82 -11.99
N THR A 287 15.85 12.14 -12.71
CA THR A 287 17.20 11.87 -12.25
C THR A 287 17.47 12.63 -10.95
N THR A 288 17.09 13.89 -10.96
CA THR A 288 17.28 14.77 -9.82
C THR A 288 16.51 14.22 -8.61
N LEU A 289 15.23 13.92 -8.78
CA LEU A 289 14.45 13.41 -7.68
C LEU A 289 15.09 12.13 -7.15
N LEU A 290 15.65 11.31 -8.04
CA LEU A 290 16.28 10.09 -7.55
C LEU A 290 17.50 10.42 -6.68
N SER A 291 18.21 11.51 -7.01
CA SER A 291 19.44 11.85 -6.30
C SER A 291 19.18 12.27 -4.85
N TYR A 292 17.91 12.44 -4.46
CA TYR A 292 17.62 12.92 -3.11
C TYR A 292 17.50 11.76 -2.11
N ASN A 293 17.71 10.55 -2.57
CA ASN A 293 17.56 9.39 -1.71
C ASN A 293 18.45 9.55 -0.49
N ARG A 294 17.95 9.18 0.69
CA ARG A 294 18.80 9.13 1.87
C ARG A 294 18.45 7.93 2.74
N ASN A 295 17.76 6.95 2.17
CA ASN A 295 17.39 5.75 2.90
C ASN A 295 16.74 6.14 4.21
N TRP A 296 15.86 7.14 4.12
CA TRP A 296 15.03 7.54 5.23
C TRP A 296 13.69 6.83 5.18
N ARG A 297 13.35 6.13 6.26
CA ARG A 297 12.22 5.23 6.26
C ARG A 297 11.25 5.66 7.35
N VAL A 298 10.00 5.93 7.00
CA VAL A 298 9.04 6.37 8.00
C VAL A 298 8.37 5.20 8.74
N CYS A 299 8.24 4.03 8.11
CA CYS A 299 7.63 2.88 8.78
C CYS A 299 8.69 1.79 8.90
N ALA A 300 9.04 1.46 10.16
CA ALA A 300 10.18 0.59 10.41
C ALA A 300 10.14 -0.13 11.77
N LEU A 301 9.13 0.14 12.64
CA LEU A 301 9.05 -0.40 14.01
C LEU A 301 10.36 -1.05 14.46
N LEU A 302 11.25 -0.21 14.96
CA LEU A 302 12.66 -0.54 15.13
C LEU A 302 12.85 -1.65 16.17
N SER A 303 12.01 -1.68 17.20
CA SER A 303 12.12 -2.70 18.23
C SER A 303 11.83 -4.09 17.65
N THR A 305 13.45 -5.36 15.25
CA THR A 305 14.68 -5.78 14.57
C THR A 305 15.05 -7.21 14.94
N SER A 306 14.64 -7.65 16.12
CA SER A 306 14.94 -8.99 16.59
C SER A 306 14.05 -10.06 15.96
N HIS A 307 12.93 -9.70 15.32
CA HIS A 307 12.03 -10.68 14.72
C HIS A 307 12.75 -11.39 13.56
N LYS A 308 12.56 -12.71 13.45
CA LYS A 308 13.29 -13.45 12.43
C LYS A 308 12.93 -12.93 11.04
N ASP A 309 11.75 -12.28 10.89
CA ASP A 309 11.29 -11.89 9.57
C ASP A 309 11.36 -10.37 9.39
N TYR A 310 12.06 -9.67 10.28
CA TYR A 310 12.22 -8.22 10.14
C TYR A 310 12.78 -7.91 8.76
N PRO A 311 12.12 -7.07 7.96
CA PRO A 311 12.49 -6.95 6.56
C PRO A 311 13.70 -6.08 6.27
N PHE A 312 14.06 -5.16 7.16
CA PHE A 312 14.92 -4.08 6.72
C PHE A 312 16.36 -4.24 7.19
N HIS A 313 16.82 -5.47 7.47
CA HIS A 313 18.24 -5.71 7.65
C HIS A 313 18.94 -5.82 6.30
N GLU A 314 18.30 -6.43 5.32
CA GLU A 314 18.94 -6.62 4.03
C GLU A 314 19.12 -5.27 3.34
N GLU A 315 20.07 -5.21 2.41
CA GLU A 315 20.31 -4.01 1.62
C GLU A 315 19.08 -3.69 0.78
N PHE A 316 18.45 -4.72 0.19
CA PHE A 316 17.14 -4.56 -0.43
C PHE A 316 16.37 -5.88 -0.39
#